data_2WE0
#
_entry.id   2WE0
#
_cell.length_a   56.048
_cell.length_b   56.783
_cell.length_c   81.374
_cell.angle_alpha   90.00
_cell.angle_beta   90.00
_cell.angle_gamma   90.00
#
_symmetry.space_group_name_H-M   'P 21 21 21'
#
loop_
_entity.id
_entity.type
_entity.pdbx_description
1 polymer "DEOXYURIDINE 5'-TRIPHOSPHATE NUCLEOTIDOHYDROLASE"
2 non-polymer "2'-DEOXYURIDINE 5'-MONOPHOSPHATE"
3 non-polymer 'SULFATE ION'
4 non-polymer 'MALATE LIKE INTERMEDIATE'
5 water water
#
_entity_poly.entity_id   1
_entity_poly.type   'polypeptide(L)'
_entity_poly.pdbx_seq_one_letter_code
;GAMGSGIPMEASPHIRYAFQNDKLLLQQASVGRLTLVNKTTILLRPMKTTTVDLGLYARPPEGHGLMLWGSTSRPVTSHV
GIIDPGYTGELRLILQNQRRYNSTLRPSELKIHLAAFRYATPQMEEDKGPINHPQYPGDVGLDVSLPKDLALFPHQTVSV
TLTVPPPSIPHHRPTIFGRSGLAMQGILVKPCRWRRGGVDVSLTNFSDQTVFLNKYRRFCQLVYLHKHHLTSFYSPHSDA
GVLGPRSLFRWASCTFEEVPSLAMGDSGLSEALEGRQGRGFGSSGQ
;
_entity_poly.pdbx_strand_id   A
#
# COMPACT_ATOMS: atom_id res chain seq x y z
N PRO A 13 10.96 19.30 -4.36
CA PRO A 13 9.77 18.93 -5.13
C PRO A 13 8.47 19.22 -4.38
N HIS A 14 7.38 19.56 -5.08
CA HIS A 14 6.05 19.70 -4.43
C HIS A 14 5.07 18.58 -4.73
N ILE A 15 4.33 18.16 -3.71
CA ILE A 15 3.16 17.31 -3.89
C ILE A 15 1.95 18.24 -3.91
N ARG A 16 1.21 18.32 -5.02
CA ARG A 16 0.02 19.13 -5.02
C ARG A 16 -1.19 18.29 -4.66
N TYR A 17 -2.07 18.82 -3.81
CA TYR A 17 -3.20 18.06 -3.31
C TYR A 17 -4.42 18.92 -3.07
N ALA A 18 -5.56 18.25 -2.93
CA ALA A 18 -6.79 18.85 -2.46
C ALA A 18 -7.44 17.82 -1.54
N PHE A 19 -8.14 18.30 -0.51
CA PHE A 19 -8.78 17.43 0.46
C PHE A 19 -10.13 18.05 0.86
N GLN A 20 -11.23 17.32 0.81
CA GLN A 20 -12.46 17.84 1.35
C GLN A 20 -13.21 16.63 1.85
N ASN A 21 -13.39 16.48 3.17
CA ASN A 21 -14.22 15.39 3.73
C ASN A 21 -14.56 15.78 5.14
N ASP A 22 -15.85 16.04 5.44
CA ASP A 22 -16.24 16.35 6.82
C ASP A 22 -16.07 15.20 7.85
N LYS A 23 -15.95 13.95 7.41
CA LYS A 23 -15.78 12.89 8.40
C LYS A 23 -14.32 12.63 8.78
N LEU A 24 -13.39 13.32 8.15
CA LEU A 24 -11.97 13.17 8.47
C LEU A 24 -11.35 14.48 8.84
N LEU A 25 -10.38 14.43 9.73
CA LEU A 25 -9.66 15.62 10.11
C LEU A 25 -8.25 15.55 9.51
N LEU A 26 -7.79 16.65 8.88
CA LEU A 26 -6.35 16.75 8.57
C LEU A 26 -5.57 17.08 9.86
N GLN A 27 -4.76 16.15 10.37
CA GLN A 27 -3.96 16.35 11.54
C GLN A 27 -2.78 17.27 11.28
N GLN A 28 -2.05 16.97 10.19
CA GLN A 28 -0.94 17.81 9.75
C GLN A 28 -0.45 17.42 8.32
N ALA A 29 0.29 18.33 7.71
CA ALA A 29 1.05 17.99 6.50
C ALA A 29 2.41 18.56 6.72
N SER A 30 3.34 17.73 7.17
CA SER A 30 4.63 18.19 7.69
C SER A 30 5.72 17.20 7.32
N VAL A 31 6.94 17.70 7.11
CA VAL A 31 8.14 16.87 6.77
C VAL A 31 7.90 15.79 5.70
N GLY A 32 7.13 16.15 4.69
CA GLY A 32 6.82 15.27 3.56
C GLY A 32 5.70 14.25 3.70
N ARG A 33 4.94 14.29 4.80
CA ARG A 33 3.83 13.34 5.00
C ARG A 33 2.52 14.02 5.45
N LEU A 34 1.41 13.70 4.79
CA LEU A 34 0.09 14.15 5.21
C LEU A 34 -0.58 13.09 6.08
N THR A 35 -1.18 13.48 7.22
CA THR A 35 -1.91 12.54 8.11
C THR A 35 -3.34 12.99 8.32
N LEU A 36 -4.28 12.07 8.12
CA LEU A 36 -5.71 12.34 8.35
C LEU A 36 -6.11 11.45 9.52
N VAL A 37 -7.11 11.86 10.29
CA VAL A 37 -7.59 10.98 11.36
C VAL A 37 -9.14 10.90 11.31
N ASN A 38 -9.78 9.79 11.76
CA ASN A 38 -11.25 9.68 11.62
C ASN A 38 -11.93 10.52 12.71
N LYS A 39 -12.94 11.32 12.34
CA LYS A 39 -13.71 12.10 13.31
C LYS A 39 -14.95 11.34 13.82
N THR A 40 -15.37 10.31 13.09
CA THR A 40 -16.54 9.54 13.44
C THR A 40 -16.14 8.06 13.68
N THR A 41 -17.02 7.28 14.30
CA THR A 41 -16.75 5.88 14.57
C THR A 41 -16.85 5.10 13.26
N ILE A 42 -15.90 4.18 13.01
CA ILE A 42 -15.91 3.42 11.73
C ILE A 42 -16.23 1.98 12.13
N LEU A 43 -17.39 1.49 11.66
CA LEU A 43 -17.84 0.10 11.85
C LEU A 43 -17.29 -0.90 10.80
N LEU A 44 -16.61 -1.96 11.24
CA LEU A 44 -16.13 -3.00 10.30
C LEU A 44 -16.90 -4.33 10.51
N ARG A 45 -17.73 -4.71 9.55
CA ARG A 45 -18.32 -6.06 9.56
C ARG A 45 -17.27 -7.15 9.43
N PRO A 46 -17.48 -8.32 10.09
CA PRO A 46 -16.49 -9.41 9.91
C PRO A 46 -16.64 -10.02 8.52
N MET A 47 -15.56 -10.55 7.94
CA MET A 47 -15.62 -11.27 6.64
C MET A 47 -15.87 -10.39 5.38
N LYS A 48 -15.90 -9.08 5.53
CA LYS A 48 -16.19 -8.21 4.40
C LYS A 48 -15.16 -7.05 4.40
N THR A 49 -14.94 -6.51 3.21
CA THR A 49 -14.07 -5.34 3.01
C THR A 49 -14.75 -4.06 3.47
N THR A 50 -14.02 -3.19 4.20
CA THR A 50 -14.44 -1.82 4.48
C THR A 50 -13.56 -0.83 3.72
N THR A 51 -14.20 0.01 2.90
CA THR A 51 -13.47 1.08 2.20
C THR A 51 -13.72 2.47 2.83
N VAL A 52 -12.66 3.28 2.96
CA VAL A 52 -12.87 4.65 3.38
C VAL A 52 -12.59 5.56 2.14
N ASP A 53 -13.63 6.20 1.58
CA ASP A 53 -13.46 7.22 0.53
C ASP A 53 -12.84 8.49 1.15
N LEU A 54 -11.58 8.80 0.81
CA LEU A 54 -10.86 9.82 1.51
C LEU A 54 -11.19 11.29 1.15
N GLY A 55 -11.78 11.52 -0.04
CA GLY A 55 -12.00 12.90 -0.55
C GLY A 55 -10.65 13.59 -0.79
N LEU A 56 -9.62 12.82 -1.10
CA LEU A 56 -8.26 13.29 -1.13
C LEU A 56 -7.71 13.00 -2.55
N TYR A 57 -7.09 14.01 -3.16
CA TYR A 57 -6.56 13.97 -4.51
C TYR A 57 -5.14 14.48 -4.47
N ALA A 58 -4.23 13.81 -5.18
CA ALA A 58 -2.83 14.27 -5.19
C ALA A 58 -2.00 13.92 -6.45
N ARG A 59 -1.06 14.77 -6.80
CA ARG A 59 -0.14 14.45 -7.90
C ARG A 59 1.32 14.61 -7.45
N PRO A 60 2.14 13.57 -7.67
CA PRO A 60 3.52 13.66 -7.16
C PRO A 60 4.45 14.45 -8.07
N PRO A 61 5.56 14.93 -7.51
CA PRO A 61 6.57 15.52 -8.38
C PRO A 61 7.18 14.52 -9.37
N GLU A 62 7.92 15.04 -10.34
CA GLU A 62 8.54 14.22 -11.37
C GLU A 62 9.54 13.16 -10.84
N GLY A 63 9.48 11.95 -11.37
CA GLY A 63 10.24 10.80 -10.80
C GLY A 63 9.69 10.10 -9.52
N HIS A 64 8.55 10.54 -8.99
CA HIS A 64 8.09 9.98 -7.69
C HIS A 64 6.75 9.29 -7.86
N GLY A 65 6.43 8.26 -7.07
CA GLY A 65 5.01 7.86 -6.84
C GLY A 65 4.59 8.24 -5.42
N LEU A 66 3.35 7.92 -5.03
CA LEU A 66 2.90 8.14 -3.64
C LEU A 66 2.59 6.79 -2.95
N MET A 67 2.72 6.73 -1.63
CA MET A 67 2.42 5.52 -0.82
C MET A 67 1.23 5.95 0.07
N LEU A 68 0.13 5.16 0.11
CA LEU A 68 -1.01 5.38 1.04
C LEU A 68 -1.06 4.22 2.09
N TRP A 69 -1.07 4.54 3.40
CA TRP A 69 -1.25 3.46 4.40
C TRP A 69 -1.97 3.88 5.71
N GLY A 70 -2.58 2.90 6.39
CA GLY A 70 -3.39 3.19 7.58
C GLY A 70 -2.63 2.70 8.79
N SER A 71 -2.93 3.25 9.96
CA SER A 71 -2.24 2.77 11.14
C SER A 71 -3.21 2.84 12.35
N THR A 72 -3.28 1.73 13.12
CA THR A 72 -4.20 1.62 14.28
C THR A 72 -3.72 0.53 15.26
N SER A 73 -4.03 0.67 16.54
CA SER A 73 -3.71 -0.46 17.41
C SER A 73 -4.94 -1.33 17.59
N ARG A 74 -6.03 -1.05 16.88
CA ARG A 74 -7.22 -1.93 16.98
C ARG A 74 -7.02 -3.17 16.10
N PRO A 75 -7.90 -4.20 16.24
CA PRO A 75 -7.59 -5.42 15.46
C PRO A 75 -8.07 -5.34 13.95
N VAL A 76 -7.43 -4.44 13.18
CA VAL A 76 -7.84 -4.05 11.82
C VAL A 76 -6.58 -4.01 10.93
N THR A 77 -6.59 -4.60 9.74
CA THR A 77 -5.36 -4.52 8.89
C THR A 77 -5.73 -3.67 7.64
N SER A 78 -4.90 -2.69 7.28
CA SER A 78 -5.17 -1.92 6.02
C SER A 78 -4.23 -2.34 4.88
N HIS A 79 -4.78 -2.36 3.67
CA HIS A 79 -3.99 -2.48 2.43
C HIS A 79 -2.98 -1.30 2.35
N VAL A 80 -1.73 -1.59 1.95
CA VAL A 80 -0.75 -0.55 1.62
C VAL A 80 -0.83 -0.22 0.13
N GLY A 81 -1.21 1.03 -0.19
CA GLY A 81 -1.58 1.35 -1.56
C GLY A 81 -0.44 2.07 -2.30
N ILE A 82 -0.12 1.58 -3.46
CA ILE A 82 0.92 2.18 -4.33
C ILE A 82 0.23 3.09 -5.36
N ILE A 83 0.54 4.38 -5.33
CA ILE A 83 -0.30 5.35 -6.06
C ILE A 83 0.49 5.81 -7.34
N ASP A 84 -0.04 5.51 -8.53
CA ASP A 84 0.70 5.79 -9.76
C ASP A 84 0.69 7.29 -10.13
N PRO A 85 1.75 7.78 -10.78
CA PRO A 85 1.92 9.23 -11.02
C PRO A 85 0.95 9.79 -12.01
N GLY A 86 0.44 8.95 -12.90
CA GLY A 86 -0.63 9.40 -13.75
C GLY A 86 -2.05 9.30 -13.17
N TYR A 87 -2.21 8.89 -11.89
CA TYR A 87 -3.58 8.73 -11.29
C TYR A 87 -4.14 10.09 -10.88
N THR A 88 -5.27 10.43 -11.46
CA THR A 88 -5.91 11.68 -11.09
C THR A 88 -7.29 11.56 -10.47
N GLY A 89 -7.71 10.33 -10.05
CA GLY A 89 -9.00 10.13 -9.35
C GLY A 89 -8.90 10.32 -7.83
N GLU A 90 -9.94 9.92 -7.09
CA GLU A 90 -9.95 10.02 -5.65
C GLU A 90 -9.20 8.83 -4.99
N LEU A 91 -8.41 9.08 -3.95
CA LEU A 91 -7.73 7.99 -3.17
C LEU A 91 -8.67 7.33 -2.18
N ARG A 92 -8.61 5.98 -2.02
CA ARG A 92 -9.44 5.24 -1.03
C ARG A 92 -8.53 4.38 -0.18
N LEU A 93 -8.82 4.28 1.12
CA LEU A 93 -8.20 3.27 1.95
C LEU A 93 -9.07 1.99 2.04
N ILE A 94 -8.44 0.81 1.91
CA ILE A 94 -9.16 -0.48 2.00
C ILE A 94 -8.77 -1.20 3.30
N LEU A 95 -9.75 -1.54 4.14
CA LEU A 95 -9.48 -2.12 5.47
C LEU A 95 -10.10 -3.50 5.56
N GLN A 96 -9.54 -4.35 6.45
CA GLN A 96 -10.07 -5.70 6.69
C GLN A 96 -10.10 -6.00 8.18
N ASN A 97 -11.13 -6.73 8.62
CA ASN A 97 -11.34 -6.95 10.06
C ASN A 97 -10.56 -8.15 10.51
N GLN A 98 -9.64 -8.09 11.48
CA GLN A 98 -9.00 -9.35 11.88
C GLN A 98 -9.86 -10.35 12.73
N ARG A 99 -10.98 -9.91 13.29
CA ARG A 99 -11.84 -10.74 14.19
C ARG A 99 -13.00 -11.36 13.45
N ARG A 100 -13.62 -12.36 14.03
CA ARG A 100 -14.88 -12.87 13.55
C ARG A 100 -16.17 -12.19 14.06
N TYR A 101 -16.08 -11.02 14.72
CA TYR A 101 -17.26 -10.21 15.04
C TYR A 101 -17.03 -8.75 14.63
N ASN A 102 -18.04 -7.88 14.77
CA ASN A 102 -17.90 -6.44 14.47
C ASN A 102 -16.69 -5.88 15.19
N SER A 103 -15.88 -5.07 14.51
CA SER A 103 -14.86 -4.25 15.18
C SER A 103 -15.15 -2.78 14.90
N THR A 104 -14.82 -1.87 15.82
CA THR A 104 -15.05 -0.46 15.53
C THR A 104 -13.74 0.32 15.69
N LEU A 105 -13.62 1.39 14.92
CA LEU A 105 -12.58 2.33 15.13
C LEU A 105 -13.33 3.56 15.64
N ARG A 106 -13.16 3.84 16.92
CA ARG A 106 -13.66 5.08 17.57
C ARG A 106 -12.92 6.33 17.08
N PRO A 107 -13.53 7.54 17.26
CA PRO A 107 -12.83 8.74 16.77
C PRO A 107 -11.40 8.75 17.21
N SER A 108 -10.52 9.08 16.28
CA SER A 108 -9.10 9.17 16.53
C SER A 108 -8.34 7.86 16.61
N GLU A 109 -8.98 6.72 16.47
CA GLU A 109 -8.22 5.46 16.51
C GLU A 109 -7.54 5.06 15.17
N LEU A 110 -8.03 5.60 14.05
CA LEU A 110 -7.42 5.37 12.71
C LEU A 110 -6.58 6.58 12.28
N LYS A 111 -5.29 6.33 11.99
CA LYS A 111 -4.48 7.31 11.26
C LYS A 111 -4.28 6.90 9.75
N ILE A 112 -4.32 7.87 8.85
CA ILE A 112 -4.22 7.63 7.40
C ILE A 112 -3.10 8.51 6.93
N HIS A 113 -2.07 7.88 6.36
CA HIS A 113 -0.83 8.54 5.89
C HIS A 113 -0.60 8.51 4.36
N LEU A 114 -0.06 9.63 3.82
CA LEU A 114 0.35 9.74 2.41
C LEU A 114 1.71 10.45 2.23
N ALA A 115 2.62 9.86 1.44
CA ALA A 115 3.96 10.45 1.31
C ALA A 115 4.56 9.96 -0.01
N ALA A 116 5.61 10.63 -0.51
CA ALA A 116 6.21 10.28 -1.79
C ALA A 116 7.52 9.52 -1.72
N PHE A 117 7.82 8.83 -2.84
CA PHE A 117 9.11 8.10 -3.01
C PHE A 117 9.65 8.08 -4.48
N ARG A 118 10.97 8.06 -4.64
CA ARG A 118 11.55 7.84 -5.97
C ARG A 118 11.55 6.36 -6.28
N TYR A 119 11.25 6.03 -7.55
CA TYR A 119 11.25 4.61 -7.97
C TYR A 119 11.87 4.45 -9.37
N ALA A 120 12.12 3.20 -9.75
CA ALA A 120 12.63 2.89 -11.09
C ALA A 120 11.85 1.73 -11.66
N THR A 121 12.01 1.57 -12.97
CA THR A 121 11.22 0.68 -13.81
C THR A 121 12.12 -0.10 -14.81
N PRO A 122 12.10 -1.45 -14.77
CA PRO A 122 12.97 -2.05 -15.78
C PRO A 122 12.26 -2.24 -17.11
N GLN A 123 13.01 -2.67 -18.12
CA GLN A 123 12.34 -3.00 -19.36
C GLN A 123 12.17 -4.50 -19.63
N GLY A 129 6.34 -13.50 -17.93
CA GLY A 129 6.39 -14.46 -16.79
C GLY A 129 7.79 -14.60 -16.24
N PRO A 130 7.93 -14.68 -14.91
CA PRO A 130 6.88 -14.39 -13.94
C PRO A 130 6.60 -12.87 -13.88
N ILE A 131 7.53 -12.05 -14.38
CA ILE A 131 7.51 -10.58 -14.31
C ILE A 131 7.01 -9.89 -15.62
N ASN A 132 5.98 -9.06 -15.51
CA ASN A 132 5.28 -8.47 -16.65
C ASN A 132 5.48 -6.95 -16.70
N HIS A 133 5.40 -6.32 -17.88
CA HIS A 133 5.65 -4.84 -18.00
C HIS A 133 4.54 -3.97 -17.35
N PRO A 134 4.82 -2.67 -17.00
CA PRO A 134 3.75 -1.89 -16.34
C PRO A 134 2.51 -1.73 -17.23
N GLN A 135 1.34 -1.61 -16.59
CA GLN A 135 0.07 -1.50 -17.30
C GLN A 135 -0.05 -0.23 -18.17
N TYR A 136 0.31 0.91 -17.61
CA TYR A 136 0.20 2.16 -18.35
C TYR A 136 1.52 2.91 -18.27
N PRO A 137 1.82 3.67 -19.31
CA PRO A 137 2.95 4.60 -19.26
C PRO A 137 3.12 5.19 -17.85
N GLY A 138 4.29 4.99 -17.26
CA GLY A 138 4.61 5.59 -15.97
C GLY A 138 4.25 4.82 -14.70
N ASP A 139 3.39 3.80 -14.80
CA ASP A 139 3.03 3.00 -13.62
C ASP A 139 4.25 2.50 -12.88
N VAL A 140 4.24 2.60 -11.57
CA VAL A 140 5.33 2.19 -10.70
C VAL A 140 5.57 0.66 -10.66
N GLY A 141 4.51 -0.13 -10.58
CA GLY A 141 4.66 -1.56 -10.28
C GLY A 141 4.66 -2.47 -11.51
N LEU A 142 5.32 -3.61 -11.41
CA LEU A 142 5.23 -4.68 -12.41
C LEU A 142 4.55 -5.92 -11.78
N ASP A 143 3.50 -6.43 -12.44
CA ASP A 143 2.80 -7.64 -11.97
C ASP A 143 3.62 -8.89 -11.99
N VAL A 144 3.51 -9.67 -10.95
CA VAL A 144 4.25 -10.90 -10.79
C VAL A 144 3.16 -12.00 -10.80
N SER A 145 3.44 -13.01 -11.63
CA SER A 145 2.64 -14.23 -11.81
C SER A 145 2.88 -15.29 -10.76
N LEU A 146 1.79 -15.98 -10.40
CA LEU A 146 1.81 -17.10 -9.48
C LEU A 146 2.53 -18.32 -10.05
N PRO A 147 3.44 -18.90 -9.26
CA PRO A 147 4.18 -20.04 -9.81
C PRO A 147 3.50 -21.40 -9.59
N LYS A 148 2.27 -21.42 -9.04
CA LYS A 148 1.53 -22.65 -8.67
C LYS A 148 0.11 -22.29 -8.23
N ASP A 149 -0.83 -23.20 -8.44
CA ASP A 149 -2.18 -23.09 -7.87
C ASP A 149 -2.14 -22.96 -6.35
N LEU A 150 -3.01 -22.10 -5.80
CA LEU A 150 -3.17 -21.98 -4.36
C LEU A 150 -4.67 -21.98 -4.01
N ALA A 151 -5.01 -22.58 -2.87
CA ALA A 151 -6.36 -22.52 -2.31
C ALA A 151 -6.32 -21.70 -1.02
N LEU A 152 -6.97 -20.54 -1.01
CA LEU A 152 -6.99 -19.71 0.20
C LEU A 152 -8.30 -19.83 0.97
N PHE A 153 -8.29 -20.58 2.06
CA PHE A 153 -9.46 -20.75 2.96
C PHE A 153 -9.69 -19.53 3.86
N PRO A 154 -10.96 -19.32 4.25
CA PRO A 154 -11.37 -18.15 5.05
C PRO A 154 -10.61 -18.00 6.37
N HIS A 155 -10.20 -16.76 6.65
CA HIS A 155 -9.46 -16.36 7.88
C HIS A 155 -8.14 -17.10 8.10
N GLN A 156 -7.51 -17.48 6.99
CA GLN A 156 -6.28 -18.25 6.97
C GLN A 156 -5.19 -17.52 6.13
N THR A 157 -3.92 -17.73 6.50
CA THR A 157 -2.75 -17.17 5.78
C THR A 157 -2.08 -18.28 4.91
N VAL A 158 -1.67 -17.92 3.68
CA VAL A 158 -0.99 -18.85 2.77
C VAL A 158 0.28 -18.19 2.26
N SER A 159 1.41 -18.93 2.29
CA SER A 159 2.68 -18.31 1.87
C SER A 159 3.26 -18.98 0.63
N VAL A 160 3.90 -18.18 -0.21
CA VAL A 160 4.55 -18.69 -1.44
C VAL A 160 5.99 -18.09 -1.63
N THR A 161 6.93 -18.89 -2.19
CA THR A 161 8.37 -18.42 -2.37
C THR A 161 8.65 -18.00 -3.81
N LEU A 162 9.15 -16.80 -3.99
CA LEU A 162 9.75 -16.43 -5.28
C LEU A 162 11.29 -16.47 -5.10
N THR A 163 12.00 -17.29 -5.88
CA THR A 163 13.48 -17.44 -5.69
C THR A 163 14.32 -17.00 -6.92
N VAL A 164 13.73 -17.14 -8.10
CA VAL A 164 14.36 -16.63 -9.33
C VAL A 164 14.49 -15.07 -9.43
N PRO A 165 15.74 -14.56 -9.38
CA PRO A 165 16.05 -13.13 -9.16
C PRO A 165 15.32 -12.20 -10.12
N PRO A 166 14.87 -11.04 -9.64
CA PRO A 166 14.36 -10.09 -10.59
C PRO A 166 15.54 -9.29 -11.21
N PRO A 167 15.27 -8.56 -12.28
CA PRO A 167 16.24 -7.63 -12.90
C PRO A 167 16.92 -6.74 -11.84
N SER A 168 18.24 -6.60 -11.93
CA SER A 168 18.97 -5.78 -10.98
C SER A 168 18.97 -4.31 -11.48
N ILE A 169 18.83 -3.36 -10.55
CA ILE A 169 18.80 -1.91 -10.84
C ILE A 169 19.60 -1.23 -9.72
N PRO A 170 20.80 -0.71 -10.06
CA PRO A 170 21.67 -0.08 -9.08
C PRO A 170 20.99 1.09 -8.36
N HIS A 171 21.31 1.21 -7.08
CA HIS A 171 20.80 2.21 -6.19
C HIS A 171 19.31 2.07 -5.91
N HIS A 172 18.70 0.96 -6.37
CA HIS A 172 17.28 0.56 -6.01
C HIS A 172 17.09 -0.78 -5.30
N ARG A 173 15.94 -0.96 -4.65
CA ARG A 173 15.66 -2.17 -3.89
C ARG A 173 14.29 -2.75 -4.28
N PRO A 174 14.30 -3.95 -4.85
CA PRO A 174 13.05 -4.62 -5.18
C PRO A 174 12.24 -5.00 -3.92
N THR A 175 10.93 -4.69 -4.00
CA THR A 175 9.99 -4.88 -2.88
CA THR A 175 9.98 -4.84 -2.88
C THR A 175 8.64 -5.33 -3.44
N ILE A 176 7.92 -6.16 -2.69
CA ILE A 176 6.64 -6.65 -3.14
C ILE A 176 5.47 -5.95 -2.35
N PHE A 177 4.40 -5.52 -3.07
CA PHE A 177 3.20 -4.91 -2.48
C PHE A 177 1.99 -5.59 -3.16
N GLY A 178 0.83 -5.50 -2.54
CA GLY A 178 -0.36 -6.04 -3.14
C GLY A 178 -0.90 -5.13 -4.23
N ARG A 179 -1.90 -5.63 -4.94
CA ARG A 179 -2.78 -4.84 -5.82
C ARG A 179 -4.21 -4.62 -5.23
N SER A 180 -4.87 -3.55 -5.71
CA SER A 180 -6.06 -3.07 -5.00
C SER A 180 -7.29 -3.95 -5.28
N GLY A 181 -7.32 -4.56 -6.48
CA GLY A 181 -8.45 -5.46 -6.89
C GLY A 181 -8.61 -6.75 -6.11
N LEU A 182 -7.49 -7.49 -5.92
CA LEU A 182 -7.48 -8.57 -4.84
C LEU A 182 -7.87 -8.09 -3.42
N ALA A 183 -7.35 -6.92 -3.05
CA ALA A 183 -7.63 -6.36 -1.69
C ALA A 183 -9.14 -6.16 -1.50
N MET A 184 -9.78 -5.68 -2.56
CA MET A 184 -11.22 -5.43 -2.57
C MET A 184 -12.00 -6.72 -2.37
N GLN A 185 -11.46 -7.83 -2.85
CA GLN A 185 -12.00 -9.17 -2.59
C GLN A 185 -11.62 -9.82 -1.22
N GLY A 186 -10.87 -9.13 -0.37
CA GLY A 186 -10.55 -9.68 0.93
C GLY A 186 -9.15 -10.28 1.01
N ILE A 187 -8.38 -10.20 -0.07
CA ILE A 187 -7.04 -10.79 -0.09
C ILE A 187 -5.95 -9.74 0.06
N LEU A 188 -5.21 -9.77 1.19
CA LEU A 188 -4.11 -8.82 1.39
C LEU A 188 -2.76 -9.52 1.26
N VAL A 189 -1.77 -8.78 0.73
CA VAL A 189 -0.38 -9.22 0.71
C VAL A 189 0.33 -8.43 1.79
N LYS A 190 1.19 -9.09 2.59
CA LYS A 190 1.96 -8.37 3.62
C LYS A 190 3.20 -7.87 2.86
N PRO A 191 3.42 -6.54 2.82
CA PRO A 191 4.55 -6.03 1.99
C PRO A 191 5.91 -6.45 2.55
N CYS A 192 6.87 -6.73 1.64
CA CYS A 192 8.19 -7.22 2.07
C CYS A 192 9.29 -6.92 1.04
N ARG A 193 10.50 -6.76 1.53
CA ARG A 193 11.66 -6.65 0.65
C ARG A 193 11.97 -7.98 -0.05
N TRP A 194 12.35 -7.88 -1.32
CA TRP A 194 12.76 -9.06 -2.09
C TRP A 194 14.31 -9.12 -2.05
N ARG A 195 14.84 -9.85 -1.06
CA ARG A 195 16.28 -9.85 -0.73
C ARG A 195 16.99 -10.89 -1.56
N ARG A 196 18.32 -10.74 -1.65
CA ARG A 196 19.17 -11.70 -2.39
C ARG A 196 18.76 -13.17 -2.35
N GLY A 197 18.52 -13.75 -1.20
CA GLY A 197 18.04 -15.15 -1.24
C GLY A 197 16.68 -15.46 -1.94
N GLY A 198 15.77 -14.52 -1.97
CA GLY A 198 14.43 -14.81 -2.50
C GLY A 198 13.46 -14.39 -1.42
N VAL A 199 12.15 -14.43 -1.69
CA VAL A 199 11.22 -13.82 -0.75
C VAL A 199 10.03 -14.74 -0.50
N ASP A 200 9.64 -14.89 0.76
CA ASP A 200 8.39 -15.57 1.08
C ASP A 200 7.24 -14.53 1.10
N VAL A 201 6.32 -14.59 0.12
CA VAL A 201 5.15 -13.69 0.06
C VAL A 201 3.91 -14.27 0.72
N SER A 202 3.37 -13.57 1.71
CA SER A 202 2.22 -14.08 2.50
C SER A 202 0.94 -13.38 2.11
N LEU A 203 -0.09 -14.17 1.83
CA LEU A 203 -1.45 -13.70 1.53
C LEU A 203 -2.43 -14.18 2.61
N THR A 204 -3.26 -13.25 3.11
CA THR A 204 -4.29 -13.63 4.07
C THR A 204 -5.67 -13.37 3.45
N ASN A 205 -6.59 -14.32 3.63
CA ASN A 205 -7.97 -14.22 3.15
C ASN A 205 -8.87 -13.85 4.33
N PHE A 206 -9.33 -12.60 4.36
CA PHE A 206 -10.20 -12.10 5.41
C PHE A 206 -11.69 -12.28 5.05
N SER A 207 -11.99 -12.91 3.90
CA SER A 207 -13.40 -13.11 3.47
C SER A 207 -14.00 -14.39 4.06
N ASP A 208 -15.29 -14.59 3.80
CA ASP A 208 -15.95 -15.81 4.26
C ASP A 208 -15.89 -16.91 3.20
N GLN A 209 -15.20 -16.72 2.09
CA GLN A 209 -15.13 -17.81 1.12
C GLN A 209 -13.76 -18.22 0.65
N THR A 210 -13.61 -19.51 0.33
CA THR A 210 -12.38 -20.06 -0.22
C THR A 210 -12.09 -19.40 -1.55
N VAL A 211 -10.88 -18.87 -1.74
CA VAL A 211 -10.55 -18.24 -2.98
C VAL A 211 -9.44 -19.08 -3.68
N PHE A 212 -9.67 -19.43 -4.96
CA PHE A 212 -8.73 -20.25 -5.73
C PHE A 212 -7.93 -19.37 -6.70
N LEU A 213 -6.62 -19.36 -6.53
CA LEU A 213 -5.76 -18.57 -7.44
C LEU A 213 -4.86 -19.55 -8.19
N ASN A 214 -5.12 -19.71 -9.47
CA ASN A 214 -4.35 -20.67 -10.26
C ASN A 214 -2.99 -20.14 -10.71
N LYS A 215 -2.13 -21.06 -11.13
CA LYS A 215 -0.82 -20.75 -11.72
C LYS A 215 -0.98 -19.71 -12.84
N TYR A 216 -0.03 -18.77 -12.88
CA TYR A 216 0.00 -17.64 -13.84
C TYR A 216 -0.86 -16.39 -13.53
N ARG A 217 -1.76 -16.48 -12.57
CA ARG A 217 -2.45 -15.29 -12.07
C ARG A 217 -1.50 -14.26 -11.50
N ARG A 218 -1.74 -13.00 -11.85
CA ARG A 218 -1.11 -11.84 -11.19
C ARG A 218 -1.63 -11.74 -9.75
N PHE A 219 -0.76 -11.93 -8.75
CA PHE A 219 -1.12 -11.94 -7.34
C PHE A 219 -0.49 -10.83 -6.47
N CYS A 220 0.49 -10.10 -7.02
CA CYS A 220 1.18 -9.02 -6.30
C CYS A 220 1.98 -8.14 -7.28
N GLN A 221 2.64 -7.08 -6.83
CA GLN A 221 3.41 -6.26 -7.80
C GLN A 221 4.78 -5.98 -7.25
N LEU A 222 5.76 -5.84 -8.17
CA LEU A 222 7.15 -5.64 -7.83
C LEU A 222 7.48 -4.17 -7.93
N VAL A 223 8.01 -3.55 -6.87
CA VAL A 223 8.30 -2.12 -6.92
C VAL A 223 9.80 -1.95 -6.58
N TYR A 224 10.48 -1.09 -7.37
CA TYR A 224 11.89 -0.73 -7.10
C TYR A 224 11.99 0.63 -6.41
N LEU A 225 12.11 0.66 -5.09
CA LEU A 225 12.27 1.90 -4.36
C LEU A 225 13.74 2.31 -4.53
N HIS A 226 14.02 3.61 -4.66
CA HIS A 226 15.37 4.08 -4.38
C HIS A 226 15.83 3.71 -2.97
N LYS A 227 17.11 3.29 -2.82
CA LYS A 227 17.63 2.79 -1.53
C LYS A 227 17.55 3.80 -0.36
N HIS A 228 17.55 5.11 -0.67
CA HIS A 228 17.31 6.16 0.36
C HIS A 228 16.00 5.92 1.14
N HIS A 229 15.06 5.24 0.48
CA HIS A 229 13.71 4.97 1.04
C HIS A 229 13.54 3.78 1.98
N LEU A 230 14.66 3.06 2.20
CA LEU A 230 14.78 1.96 3.17
C LEU A 230 15.82 2.31 4.22
N THR A 231 15.43 2.27 5.49
CA THR A 231 16.34 2.65 6.58
C THR A 231 16.12 1.73 7.80
N SER A 232 17.07 1.78 8.75
CA SER A 232 16.83 1.20 10.08
C SER A 232 16.54 2.20 11.18
N PHE A 233 16.73 3.50 10.93
CA PHE A 233 16.50 4.50 11.95
C PHE A 233 15.07 5.02 12.02
N TYR A 234 14.56 5.13 13.24
CA TYR A 234 13.27 5.73 13.41
C TYR A 234 13.47 7.23 13.46
N SER A 235 12.81 7.90 12.52
CA SER A 235 12.97 9.35 12.22
C SER A 235 11.65 10.03 12.13
N PRO A 236 11.72 11.36 12.01
CA PRO A 236 10.54 12.15 11.75
C PRO A 236 10.02 11.75 10.40
N HIS A 237 10.97 11.34 9.59
CA HIS A 237 10.86 10.99 8.22
C HIS A 237 10.66 9.51 7.92
N SER A 238 10.50 8.67 8.96
CA SER A 238 10.30 7.22 8.78
C SER A 238 9.16 6.60 9.63
N ASP A 239 8.67 5.41 9.24
CA ASP A 239 7.54 4.77 9.98
C ASP A 239 7.61 3.25 9.81
N ALA A 240 7.43 2.51 10.90
CA ALA A 240 7.39 1.03 10.85
C ALA A 240 6.12 0.44 10.20
N GLY A 241 5.14 1.26 9.79
CA GLY A 241 3.85 0.70 9.37
C GLY A 241 3.65 0.09 7.98
N VAL A 242 4.72 0.01 7.20
CA VAL A 242 4.60 -0.21 5.75
C VAL A 242 5.15 -1.57 5.38
N LEU A 243 6.41 -1.80 5.72
CA LEU A 243 7.11 -3.05 5.41
C LEU A 243 7.43 -3.74 6.70
N GLY A 244 7.03 -3.13 7.81
CA GLY A 244 7.24 -3.77 9.09
C GLY A 244 8.59 -3.36 9.63
N PRO A 245 9.07 -4.08 10.65
CA PRO A 245 10.03 -3.53 11.62
C PRO A 245 11.48 -3.62 11.17
N ARG A 246 11.79 -4.56 10.29
CA ARG A 246 13.17 -4.80 9.85
C ARG A 246 13.70 -3.81 8.78
N SER A 247 12.81 -3.15 8.07
CA SER A 247 13.24 -2.14 7.13
C SER A 247 12.14 -1.12 7.13
N LEU A 248 12.46 0.07 7.60
CA LEU A 248 11.46 1.10 7.77
C LEU A 248 11.34 1.83 6.46
N PHE A 249 10.13 2.29 6.13
CA PHE A 249 9.96 3.18 4.99
C PHE A 249 10.37 4.59 5.34
N ARG A 250 11.31 5.18 4.59
CA ARG A 250 11.64 6.60 4.74
C ARG A 250 11.16 7.41 3.54
N TRP A 251 10.14 8.26 3.70
CA TRP A 251 9.59 9.03 2.53
C TRP A 251 10.46 10.23 2.05
N ALA A 252 10.22 10.67 0.82
CA ALA A 252 11.01 11.83 0.32
C ALA A 252 10.68 13.09 1.11
N SER A 253 11.67 13.99 1.20
CA SER A 253 11.49 15.29 1.83
C SER A 253 10.75 16.22 0.89
N CYS A 254 9.44 16.13 0.74
CA CYS A 254 8.71 17.06 -0.14
C CYS A 254 7.91 18.02 0.67
N THR A 255 7.35 19.01 -0.03
CA THR A 255 6.47 20.01 0.54
C THR A 255 5.10 19.80 -0.09
N PHE A 256 4.05 19.82 0.75
CA PHE A 256 2.67 19.67 0.30
C PHE A 256 2.17 21.05 -0.11
N GLU A 257 1.45 21.12 -1.23
CA GLU A 257 0.89 22.38 -1.65
C GLU A 257 -0.59 22.27 -2.10
N GLU A 258 -1.49 22.99 -1.41
CA GLU A 258 -2.94 22.82 -1.62
C GLU A 258 -3.43 23.45 -2.94
N VAL A 259 -4.01 22.66 -3.85
CA VAL A 259 -4.50 23.16 -5.15
C VAL A 259 -5.95 22.66 -5.29
N PRO A 260 -6.92 23.39 -4.68
CA PRO A 260 -8.30 22.93 -4.48
C PRO A 260 -9.02 22.44 -5.74
N SER A 261 -8.63 22.99 -6.88
CA SER A 261 -9.19 22.59 -8.18
C SER A 261 -8.88 21.13 -8.61
N LEU A 262 -7.88 20.50 -8.01
CA LEU A 262 -7.67 19.07 -8.16
C LEU A 262 -8.92 18.24 -7.76
N ALA A 263 -9.75 18.77 -6.85
CA ALA A 263 -10.93 18.03 -6.31
C ALA A 263 -12.08 17.87 -7.29
N MET A 264 -12.55 16.63 -7.46
CA MET A 264 -13.56 16.25 -8.49
C MET A 264 -14.86 15.72 -7.94
#